data_4R26
#
_entry.id   4R26
#
_cell.length_a   62.686
_cell.length_b   40.331
_cell.length_c   84.457
_cell.angle_alpha   90.00
_cell.angle_beta   91.67
_cell.angle_gamma   90.00
#
_symmetry.space_group_name_H-M   'P 1 21 1'
#
loop_
_entity.id
_entity.type
_entity.pdbx_description
1 polymer 'PGR124-Light Chain'
2 polymer 'PGT124-Heavy Chain'
3 non-polymer GLYCEROL
4 water water
#
loop_
_entity_poly.entity_id
_entity_poly.type
_entity_poly.pdbx_seq_one_letter_code
_entity_poly.pdbx_strand_id
1 'polypeptide(L)'
;SYVSPLSVALGETARISCGRQALGSRAVQWYQHKPGQAPILLIYNNQDRPSGIPERFSGTPDINFGTTATLTISGVEVGD
EADYYCHMWDSRSGFSWSFGGATRLTVLSQPKAAPSVTLFPPSSEELQANKATLVCLISDFYPGAVTVAWKADSSPVKAG
VETTTPSKQSNNKYAASSYLSLTPEQWKSHKSYSCQVTHEGSTVEKTVAPTECS
;
L
2 'polypeptide(L)'
;QVQLQESGPGLVRPSETLSVTCIVSGGSISNYYWTWIRQSPGKGLEWIGYISDRETTTYNPSLNSRAVISRDTSKNQLSL
QLRSVTTADTAIYFCATARRGQRIYGVVSFGEFFYYYYMDVWGKGTAVTVSSASTKGPSVFPLAPSSKSTSGGTAALGCL
VKDYFPEPVTVSWNSGALTSGVHTFPAVLQSSGLYSLSSVVTVPSSSLGTQTYICNVNHKPSNTKVDKKVEPKSCD
;
H
#
loop_
_chem_comp.id
_chem_comp.type
_chem_comp.name
_chem_comp.formula
GOL non-polymer GLYCEROL 'C3 H8 O3'
#
# COMPACT_ATOMS: atom_id res chain seq x y z
N TYR A 2 -15.52 7.65 -5.18
CA TYR A 2 -15.53 7.06 -3.85
C TYR A 2 -14.80 7.93 -2.84
N VAL A 3 -13.67 8.50 -3.26
CA VAL A 3 -12.90 9.35 -2.38
C VAL A 3 -13.51 10.73 -2.23
N SER A 4 -13.59 11.16 -0.97
CA SER A 4 -14.04 12.48 -0.62
C SER A 4 -12.92 13.17 0.15
N PRO A 5 -12.28 14.17 -0.47
CA PRO A 5 -11.15 14.78 0.24
C PRO A 5 -11.58 15.67 1.39
N LEU A 6 -10.80 15.65 2.46
CA LEU A 6 -10.93 16.62 3.53
C LEU A 6 -9.54 17.09 3.88
N SER A 7 -9.31 18.39 3.95
CA SER A 7 -7.99 18.83 4.40
C SER A 7 -8.10 19.51 5.74
N VAL A 8 -7.12 19.25 6.59
CA VAL A 8 -7.10 19.79 7.95
C VAL A 8 -5.70 20.32 8.34
N ALA A 9 -5.69 21.48 9.01
CA ALA A 9 -4.50 22.09 9.59
C ALA A 9 -3.96 21.26 10.73
N LEU A 10 -2.66 21.02 10.71
CA LEU A 10 -2.02 20.16 11.69
C LEU A 10 -2.35 20.60 13.11
N GLY A 11 -2.80 19.65 13.93
CA GLY A 11 -3.01 19.89 15.34
C GLY A 11 -4.41 20.29 15.73
N GLU A 12 -5.29 20.46 14.76
CA GLU A 12 -6.65 20.86 15.08
C GLU A 12 -7.60 19.65 15.06
N THR A 13 -8.89 19.89 15.24
CA THR A 13 -9.84 18.80 15.40
C THR A 13 -10.50 18.50 14.08
N ALA A 14 -10.36 17.27 13.61
CA ALA A 14 -10.97 16.95 12.32
C ALA A 14 -12.26 16.21 12.56
N ARG A 15 -13.20 16.42 11.67
CA ARG A 15 -14.54 15.94 11.91
C ARG A 15 -15.16 15.38 10.66
N ILE A 16 -15.11 14.07 10.53
CA ILE A 16 -15.57 13.42 9.33
C ILE A 16 -16.99 12.89 9.47
N SER A 17 -17.90 13.43 8.66
CA SER A 17 -19.31 13.02 8.68
C SER A 17 -19.50 11.71 7.97
N CYS A 18 -20.45 10.90 8.43
CA CYS A 18 -20.81 9.70 7.69
C CYS A 18 -21.47 10.05 6.37
N GLY A 19 -21.16 9.27 5.35
CA GLY A 19 -21.77 9.44 4.05
C GLY A 19 -23.26 9.14 4.06
N ARG A 20 -23.71 8.26 4.95
CA ARG A 20 -25.13 7.87 4.99
C ARG A 20 -25.82 8.34 6.26
N GLN A 21 -27.09 8.73 6.15
CA GLN A 21 -27.87 9.06 7.33
C GLN A 21 -28.80 7.89 7.61
N ALA A 22 -28.76 7.38 8.84
CA ALA A 22 -29.51 6.18 9.18
C ALA A 22 -31.01 6.40 9.17
N LEU A 23 -31.73 5.50 8.51
CA LEU A 23 -33.18 5.45 8.56
C LEU A 23 -33.70 5.08 9.95
N GLY A 24 -33.01 4.14 10.59
CA GLY A 24 -33.42 3.59 11.87
C GLY A 24 -32.27 3.43 12.83
N SER A 25 -32.57 3.34 14.12
CA SER A 25 -31.54 3.24 15.14
C SER A 25 -30.26 2.42 14.81
N ARG A 26 -29.06 3.03 14.91
CA ARG A 26 -27.89 2.54 14.19
C ARG A 26 -26.74 1.95 15.00
N ALA A 27 -25.86 1.24 14.29
CA ALA A 27 -24.62 0.74 14.80
C ALA A 27 -23.59 1.08 13.74
N VAL A 28 -22.79 2.09 14.01
CA VAL A 28 -21.75 2.54 13.12
C VAL A 28 -20.37 2.17 13.55
N GLN A 29 -19.60 1.73 12.57
CA GLN A 29 -18.21 1.39 12.73
C GLN A 29 -17.39 2.36 11.89
N TRP A 30 -16.20 2.70 12.37
CA TRP A 30 -15.27 3.53 11.63
C TRP A 30 -13.93 2.83 11.34
N TYR A 31 -13.53 2.80 10.09
CA TYR A 31 -12.27 2.15 9.70
C TYR A 31 -11.25 3.12 9.14
N GLN A 32 -9.99 2.91 9.51
CA GLN A 32 -8.91 3.68 8.94
C GLN A 32 -8.00 2.83 8.06
N HIS A 33 -7.75 3.34 6.86
CA HIS A 33 -6.95 2.64 5.90
C HIS A 33 -5.82 3.51 5.30
N LYS A 34 -4.58 3.19 5.64
CA LYS A 34 -3.43 3.80 4.99
C LYS A 34 -2.95 3.01 3.79
N PRO A 35 -2.53 3.72 2.73
CA PRO A 35 -2.12 3.02 1.49
C PRO A 35 -1.05 1.98 1.82
N GLY A 36 -1.21 0.75 1.34
CA GLY A 36 -0.21 -0.28 1.51
C GLY A 36 -0.19 -0.98 2.85
N GLN A 37 -1.15 -0.68 3.72
CA GLN A 37 -1.28 -1.41 4.99
C GLN A 37 -2.67 -1.95 5.26
N ALA A 38 -2.76 -2.81 6.26
CA ALA A 38 -4.03 -3.38 6.70
C ALA A 38 -4.88 -2.29 7.29
N PRO A 39 -6.16 -2.21 6.86
CA PRO A 39 -7.13 -1.31 7.52
C PRO A 39 -7.26 -1.64 9.01
N ILE A 40 -7.77 -0.67 9.77
CA ILE A 40 -7.86 -0.78 11.22
C ILE A 40 -9.25 -0.39 11.71
N LEU A 41 -9.82 -1.18 12.60
CA LEU A 41 -11.08 -0.82 13.20
C LEU A 41 -10.79 0.24 14.26
N LEU A 42 -11.38 1.42 14.14
CA LEU A 42 -11.23 2.50 15.11
C LEU A 42 -12.37 2.69 16.07
N ILE A 43 -13.58 2.60 15.58
CA ILE A 43 -14.77 2.71 16.38
C ILE A 43 -15.72 1.60 15.97
N TYR A 44 -16.37 0.98 16.93
CA TYR A 44 -17.40 -0.01 16.68
C TYR A 44 -18.59 0.28 17.57
N ASN A 45 -19.77 -0.11 17.12
CA ASN A 45 -21.00 0.14 17.87
C ASN A 45 -21.23 1.61 18.12
N ASN A 46 -20.97 2.44 17.13
CA ASN A 46 -21.21 3.86 17.26
C ASN A 46 -20.17 4.65 18.03
N GLN A 47 -19.86 4.22 19.25
CA GLN A 47 -18.88 4.93 20.07
C GLN A 47 -17.80 4.09 20.74
N ASP A 48 -17.66 2.81 20.41
CA ASP A 48 -16.72 1.99 21.15
C ASP A 48 -15.35 1.87 20.49
N ARG A 49 -14.33 2.01 21.28
CA ARG A 49 -12.99 2.12 20.80
C ARG A 49 -12.25 0.87 21.19
N PRO A 50 -11.60 0.22 20.24
CA PRO A 50 -10.85 -0.97 20.57
C PRO A 50 -9.64 -0.63 21.40
N SER A 51 -9.21 -1.54 22.24
CA SER A 51 -7.98 -1.33 22.98
C SER A 51 -6.86 -1.01 22.01
N GLY A 52 -6.03 -0.04 22.36
CA GLY A 52 -4.90 0.31 21.54
C GLY A 52 -5.19 1.40 20.52
N ILE A 53 -6.47 1.73 20.34
CA ILE A 53 -6.79 2.91 19.54
C ILE A 53 -6.77 4.11 20.47
N PRO A 54 -5.99 5.14 20.11
CA PRO A 54 -5.83 6.37 20.91
C PRO A 54 -7.18 7.01 21.18
N GLU A 55 -7.43 7.47 22.42
CA GLU A 55 -8.66 8.17 22.77
C GLU A 55 -8.83 9.47 21.98
N ARG A 56 -7.95 9.71 21.04
CA ARG A 56 -8.07 10.89 20.18
C ARG A 56 -9.23 10.70 19.25
N PHE A 57 -9.58 9.46 18.97
CA PHE A 57 -10.72 9.18 18.07
C PHE A 57 -12.05 8.99 18.82
N SER A 58 -13.13 9.51 18.26
CA SER A 58 -14.41 9.41 18.94
C SER A 58 -15.60 9.38 17.97
N GLY A 59 -16.68 8.67 18.32
CA GLY A 59 -17.84 8.60 17.44
C GLY A 59 -19.02 9.21 18.14
N THR A 60 -20.15 9.32 17.45
CA THR A 60 -21.35 9.81 18.09
C THR A 60 -22.30 8.69 18.51
N PRO A 61 -22.62 8.69 19.77
CA PRO A 61 -23.57 7.75 20.34
C PRO A 61 -24.93 7.93 19.75
N ASP A 62 -25.66 6.84 19.57
CA ASP A 62 -27.03 6.93 19.06
C ASP A 62 -27.96 7.08 20.26
N ILE A 63 -28.30 8.33 20.56
CA ILE A 63 -29.19 8.64 21.68
C ILE A 63 -30.61 8.88 21.19
N ASN A 64 -30.82 8.69 19.89
CA ASN A 64 -32.12 8.89 19.26
C ASN A 64 -32.39 10.35 18.92
N PHE A 65 -31.41 11.19 19.19
CA PHE A 65 -31.45 12.57 18.75
C PHE A 65 -31.17 12.58 17.26
N GLY A 66 -31.55 13.66 16.56
CA GLY A 66 -31.32 13.71 15.16
C GLY A 66 -29.89 14.19 14.99
N THR A 67 -28.96 13.24 15.05
CA THR A 67 -27.54 13.54 15.00
C THR A 67 -26.90 12.54 14.02
N THR A 68 -26.20 13.06 13.02
CA THR A 68 -25.46 12.24 12.08
C THR A 68 -24.23 11.60 12.71
N ALA A 69 -23.88 10.41 12.26
CA ALA A 69 -22.65 9.75 12.67
C ALA A 69 -21.45 10.58 12.25
N THR A 70 -20.56 10.86 13.20
CA THR A 70 -19.37 11.66 12.94
C THR A 70 -18.15 11.08 13.65
N LEU A 71 -17.01 11.04 12.96
CA LEU A 71 -15.74 10.68 13.60
C LEU A 71 -14.99 11.97 14.00
N THR A 72 -14.55 12.04 15.25
CA THR A 72 -13.82 13.18 15.71
C THR A 72 -12.41 12.80 16.05
N ILE A 73 -11.45 13.44 15.39
CA ILE A 73 -10.03 13.19 15.69
C ILE A 73 -9.45 14.49 16.26
N SER A 74 -9.26 14.57 17.57
CA SER A 74 -8.62 15.74 18.14
C SER A 74 -7.08 15.64 18.07
N GLY A 75 -6.44 16.81 17.99
CA GLY A 75 -4.99 16.90 17.82
C GLY A 75 -4.47 16.11 16.64
N VAL A 76 -5.16 16.22 15.50
CA VAL A 76 -4.74 15.50 14.31
C VAL A 76 -3.23 15.61 14.01
N GLU A 77 -2.63 14.46 13.73
CA GLU A 77 -1.19 14.34 13.49
C GLU A 77 -0.94 13.94 12.04
N VAL A 78 0.30 14.08 11.58
CA VAL A 78 0.58 13.76 10.17
C VAL A 78 0.29 12.28 9.97
N GLY A 79 0.46 11.52 11.05
CA GLY A 79 0.13 10.11 11.06
C GLY A 79 -1.36 9.77 10.94
N ASP A 80 -2.25 10.77 10.91
CA ASP A 80 -3.66 10.46 10.82
C ASP A 80 -4.14 10.62 9.38
N GLU A 81 -3.25 11.06 8.51
CA GLU A 81 -3.47 11.03 7.06
C GLU A 81 -3.76 9.60 6.62
N ALA A 82 -4.94 9.38 6.08
CA ALA A 82 -5.40 8.05 5.69
C ALA A 82 -6.81 8.18 5.20
N ASP A 83 -7.37 7.06 4.74
CA ASP A 83 -8.78 6.97 4.33
C ASP A 83 -9.66 6.53 5.50
N TYR A 84 -10.83 7.11 5.60
CA TYR A 84 -11.73 6.77 6.69
C TYR A 84 -13.08 6.34 6.16
N TYR A 85 -13.45 5.08 6.42
CA TYR A 85 -14.77 4.56 6.01
C TYR A 85 -15.70 4.50 7.20
N CYS A 86 -16.96 4.86 6.95
CA CYS A 86 -18.02 4.76 7.94
C CYS A 86 -19.02 3.66 7.55
N HIS A 87 -18.97 2.54 8.25
CA HIS A 87 -19.82 1.42 7.96
C HIS A 87 -21.10 1.54 8.78
N MET A 88 -22.20 1.79 8.08
CA MET A 88 -23.41 2.21 8.75
C MET A 88 -24.36 1.06 8.79
N TRP A 89 -24.82 0.70 9.99
CA TRP A 89 -25.85 -0.32 10.07
C TRP A 89 -27.08 0.32 10.70
N ASP A 90 -28.24 0.17 10.08
CA ASP A 90 -29.49 0.61 10.72
C ASP A 90 -30.66 -0.33 10.46
N SER A 91 -31.79 -0.07 11.12
CA SER A 91 -32.91 -1.03 11.18
C SER A 91 -33.89 -1.04 10.01
N ARG A 92 -33.81 -0.07 9.10
CA ARG A 92 -34.70 -0.02 7.95
C ARG A 92 -33.94 -0.06 6.59
N SER A 93 -32.64 -0.36 6.66
CA SER A 93 -31.81 -0.32 5.46
C SER A 93 -31.46 -1.71 5.00
N GLY A 94 -31.28 -2.61 5.95
CA GLY A 94 -31.05 -4.02 5.64
C GLY A 94 -29.62 -4.37 5.98
N PHE A 95 -29.20 -5.55 5.57
CA PHE A 95 -27.83 -5.97 5.82
C PHE A 95 -27.01 -5.14 4.90
N SER A 96 -26.07 -4.40 5.45
CA SER A 96 -25.33 -3.43 4.69
C SER A 96 -23.97 -3.95 4.23
N TRP A 97 -23.96 -4.45 3.01
CA TRP A 97 -22.75 -4.94 2.38
C TRP A 97 -21.74 -3.85 2.08
N SER A 98 -22.20 -2.61 1.91
CA SER A 98 -21.33 -1.52 1.47
C SER A 98 -20.58 -0.88 2.61
N PHE A 99 -19.29 -0.66 2.42
CA PHE A 99 -18.48 0.08 3.39
C PHE A 99 -18.67 1.56 3.16
N GLY A 100 -19.12 1.93 1.98
CA GLY A 100 -19.27 3.33 1.66
C GLY A 100 -17.99 3.88 1.06
N GLY A 101 -18.00 5.17 0.79
CA GLY A 101 -16.85 5.83 0.24
C GLY A 101 -15.91 6.26 1.35
N ALA A 102 -14.68 6.58 0.95
CA ALA A 102 -13.64 6.89 1.90
C ALA A 102 -13.51 8.38 1.99
N THR A 103 -13.45 8.90 3.20
CA THR A 103 -13.01 10.27 3.33
C THR A 103 -11.50 10.27 3.41
N ARG A 104 -10.84 10.85 2.41
CA ARG A 104 -9.37 10.93 2.40
C ARG A 104 -8.90 12.17 3.16
N LEU A 105 -8.22 11.92 4.27
CA LEU A 105 -7.77 13.01 5.15
C LEU A 105 -6.33 13.47 4.83
N THR A 106 -6.16 14.76 4.59
CA THR A 106 -4.87 15.32 4.30
C THR A 106 -4.55 16.28 5.41
N VAL A 107 -3.40 16.08 6.03
CA VAL A 107 -2.99 16.95 7.13
C VAL A 107 -1.95 17.93 6.63
N LEU A 108 -2.18 19.19 6.91
CA LEU A 108 -1.42 20.23 6.29
C LEU A 108 -0.65 21.02 7.31
N SER A 109 0.37 21.71 6.84
CA SER A 109 1.15 22.61 7.68
C SER A 109 2.30 22.00 8.44
N GLN A 110 2.76 20.85 8.01
CA GLN A 110 4.01 20.33 8.48
C GLN A 110 5.20 21.07 7.87
N PRO A 111 6.40 20.96 8.60
CA PRO A 111 7.48 21.81 8.10
C PRO A 111 8.05 21.48 6.74
N LYS A 112 8.51 22.52 6.05
CA LYS A 112 9.17 22.36 4.78
C LYS A 112 10.40 21.48 4.97
N ALA A 113 10.61 20.53 4.09
CA ALA A 113 11.79 19.71 4.11
C ALA A 113 12.48 19.67 2.77
N ALA A 114 13.78 19.90 2.74
CA ALA A 114 14.55 19.83 1.50
C ALA A 114 14.78 18.39 1.06
N PRO A 115 14.83 18.16 -0.23
CA PRO A 115 15.01 16.79 -0.75
C PRO A 115 16.45 16.32 -0.70
N SER A 116 16.65 15.04 -0.34
CA SER A 116 17.93 14.38 -0.54
C SER A 116 17.92 13.75 -1.92
N VAL A 117 19.08 13.68 -2.54
CA VAL A 117 19.17 13.28 -3.93
C VAL A 117 20.36 12.40 -4.06
N THR A 118 20.12 11.19 -4.54
CA THR A 118 21.17 10.21 -4.80
C THR A 118 21.12 9.84 -6.28
N LEU A 119 22.26 9.92 -6.97
CA LEU A 119 22.30 9.67 -8.40
C LEU A 119 23.27 8.54 -8.75
N PHE A 120 22.73 7.43 -9.27
CA PHE A 120 23.54 6.27 -9.64
C PHE A 120 23.75 6.14 -11.15
N PRO A 121 24.98 5.84 -11.56
CA PRO A 121 25.28 5.58 -12.96
C PRO A 121 24.95 4.13 -13.30
N PRO A 122 24.84 3.81 -14.61
CA PRO A 122 24.58 2.44 -15.06
C PRO A 122 25.55 1.45 -14.40
N SER A 123 25.05 0.28 -14.04
CA SER A 123 25.91 -0.78 -13.54
C SER A 123 26.84 -1.23 -14.66
N SER A 124 27.98 -1.79 -14.32
CA SER A 124 28.84 -2.35 -15.33
C SER A 124 28.13 -3.55 -15.91
N GLU A 125 27.21 -4.11 -15.14
CA GLU A 125 26.46 -5.28 -15.54
C GLU A 125 25.46 -4.93 -16.63
N GLU A 126 24.69 -3.89 -16.37
CA GLU A 126 23.64 -3.49 -17.29
C GLU A 126 24.28 -3.18 -18.63
N LEU A 127 25.43 -2.50 -18.59
CA LEU A 127 26.19 -2.20 -19.79
C LEU A 127 26.52 -3.47 -20.56
N GLN A 128 26.94 -4.51 -19.86
CA GLN A 128 27.23 -5.77 -20.53
C GLN A 128 25.95 -6.56 -20.82
N ALA A 129 24.83 -6.10 -20.29
CA ALA A 129 23.54 -6.66 -20.70
C ALA A 129 22.94 -5.79 -21.80
N ASN A 130 23.76 -4.89 -22.33
CA ASN A 130 23.41 -4.00 -23.44
C ASN A 130 22.33 -2.95 -23.13
N LYS A 131 22.22 -2.61 -21.85
CA LYS A 131 21.28 -1.59 -21.42
C LYS A 131 21.97 -0.60 -20.47
N ALA A 132 21.37 0.56 -20.30
CA ALA A 132 21.91 1.55 -19.41
C ALA A 132 20.77 2.42 -18.92
N THR A 133 20.75 2.67 -17.63
CA THR A 133 19.68 3.44 -17.04
C THR A 133 20.28 4.18 -15.89
N LEU A 134 20.06 5.48 -15.88
CA LEU A 134 20.53 6.30 -14.79
C LEU A 134 19.40 6.44 -13.82
N VAL A 135 19.73 6.37 -12.53
CA VAL A 135 18.75 6.31 -11.45
C VAL A 135 18.91 7.48 -10.50
N CYS A 136 17.86 8.28 -10.35
CA CYS A 136 17.89 9.44 -9.46
C CYS A 136 16.84 9.30 -8.38
N LEU A 137 17.28 9.28 -7.13
CA LEU A 137 16.35 9.00 -6.05
C LEU A 137 16.18 10.26 -5.23
N ILE A 138 14.93 10.62 -4.99
CA ILE A 138 14.67 11.87 -4.31
C ILE A 138 13.78 11.55 -3.14
N SER A 139 14.25 11.90 -1.94
CA SER A 139 13.47 11.61 -0.76
C SER A 139 13.59 12.69 0.28
N ASP A 140 12.74 12.54 1.28
CA ASP A 140 12.73 13.33 2.50
C ASP A 140 12.22 14.72 2.28
N PHE A 141 11.45 14.91 1.22
CA PHE A 141 10.94 16.24 0.97
C PHE A 141 9.50 16.48 1.42
N TYR A 142 9.24 17.75 1.65
CA TYR A 142 7.90 18.25 1.90
C TYR A 142 7.87 19.76 1.57
N PRO A 143 6.80 20.23 0.90
CA PRO A 143 5.65 19.49 0.34
C PRO A 143 6.03 18.58 -0.83
N GLY A 144 5.02 18.03 -1.47
CA GLY A 144 5.28 16.92 -2.34
C GLY A 144 5.47 17.22 -3.79
N ALA A 145 5.28 18.48 -4.19
CA ALA A 145 5.53 18.88 -5.58
C ALA A 145 7.03 19.09 -5.87
N VAL A 146 7.47 18.51 -6.96
CA VAL A 146 8.88 18.50 -7.23
C VAL A 146 9.04 18.50 -8.72
N THR A 147 10.10 19.12 -9.22
CA THR A 147 10.42 19.03 -10.64
C THR A 147 11.71 18.27 -10.78
N VAL A 148 11.70 17.20 -11.56
CA VAL A 148 12.95 16.53 -11.90
C VAL A 148 13.29 16.77 -13.35
N ALA A 149 14.53 17.19 -13.60
CA ALA A 149 14.96 17.33 -14.96
C ALA A 149 16.30 16.67 -15.18
N TRP A 150 16.54 16.21 -16.39
CA TRP A 150 17.74 15.53 -16.77
C TRP A 150 18.50 16.31 -17.81
N LYS A 151 19.82 16.27 -17.74
CA LYS A 151 20.65 16.98 -18.69
C LYS A 151 21.76 16.11 -19.23
N ALA A 152 22.04 16.21 -20.52
CA ALA A 152 23.21 15.52 -21.03
C ALA A 152 24.22 16.57 -21.45
N ASP A 153 25.34 16.59 -20.75
CA ASP A 153 26.23 17.73 -20.84
C ASP A 153 25.42 18.98 -20.56
N SER A 154 25.43 19.94 -21.47
CA SER A 154 24.75 21.20 -21.20
C SER A 154 23.31 21.35 -21.72
N SER A 155 22.78 20.30 -22.32
CA SER A 155 21.44 20.37 -22.88
C SER A 155 20.47 19.41 -22.21
N PRO A 156 19.22 19.83 -22.13
CA PRO A 156 18.25 19.08 -21.37
C PRO A 156 17.64 17.91 -22.14
N VAL A 157 17.92 16.71 -21.66
CA VAL A 157 17.31 15.49 -22.18
C VAL A 157 15.80 15.63 -22.09
N LYS A 158 15.08 15.39 -23.19
CA LYS A 158 13.63 15.47 -23.14
C LYS A 158 12.97 14.09 -23.08
N ALA A 159 13.74 13.03 -23.26
CA ALA A 159 13.12 11.71 -23.27
C ALA A 159 14.00 10.54 -22.79
N GLY A 160 13.34 9.41 -22.56
CA GLY A 160 13.97 8.21 -22.00
C GLY A 160 13.73 8.27 -20.51
N VAL A 161 13.10 9.36 -20.10
CA VAL A 161 12.88 9.68 -18.69
C VAL A 161 11.50 9.23 -18.21
N GLU A 162 11.49 8.35 -17.22
CA GLU A 162 10.24 7.96 -16.56
C GLU A 162 10.40 8.27 -15.07
N THR A 163 9.52 9.12 -14.55
CA THR A 163 9.61 9.55 -13.17
C THR A 163 8.33 9.20 -12.42
N THR A 164 8.44 8.70 -11.19
CA THR A 164 7.25 8.32 -10.41
C THR A 164 6.62 9.57 -9.87
N THR A 165 5.34 9.47 -9.51
CA THR A 165 4.65 10.57 -8.87
C THR A 165 4.97 10.47 -7.38
N PRO A 166 5.25 11.61 -6.74
CA PRO A 166 5.75 11.59 -5.36
C PRO A 166 4.75 11.02 -4.39
N SER A 167 5.21 10.29 -3.39
CA SER A 167 4.28 9.89 -2.32
C SER A 167 4.95 9.76 -0.95
N LYS A 168 4.16 9.95 0.10
CA LYS A 168 4.69 10.00 1.45
C LYS A 168 5.21 8.65 1.89
N GLN A 169 6.41 8.67 2.46
CA GLN A 169 7.03 7.47 2.96
C GLN A 169 6.77 7.30 4.46
N SER A 170 7.38 6.28 5.05
CA SER A 170 7.12 5.95 6.45
C SER A 170 7.83 6.91 7.43
N ASN A 171 8.26 8.07 6.94
CA ASN A 171 8.71 9.13 7.80
C ASN A 171 7.87 10.36 7.50
N ASN A 172 6.76 10.14 6.81
CA ASN A 172 5.76 11.17 6.50
C ASN A 172 6.22 12.24 5.52
N LYS A 173 7.38 12.02 4.90
CA LYS A 173 7.90 12.89 3.86
C LYS A 173 7.87 12.17 2.51
N TYR A 174 7.93 12.92 1.42
CA TYR A 174 7.77 12.33 0.10
C TYR A 174 9.03 11.70 -0.46
N ALA A 175 8.82 10.80 -1.43
CA ALA A 175 9.90 10.17 -2.17
C ALA A 175 9.47 10.00 -3.59
N ALA A 176 10.44 10.07 -4.49
CA ALA A 176 10.20 9.87 -5.90
C ALA A 176 11.47 9.35 -6.53
N SER A 177 11.33 8.73 -7.71
CA SER A 177 12.46 8.20 -8.44
C SER A 177 12.34 8.62 -9.87
N SER A 178 13.47 8.95 -10.49
CA SER A 178 13.45 9.20 -11.92
C SER A 178 14.47 8.28 -12.60
N TYR A 179 14.04 7.67 -13.69
CA TYR A 179 14.91 6.80 -14.44
C TYR A 179 15.19 7.35 -15.85
N LEU A 180 16.47 7.50 -16.19
CA LEU A 180 16.86 7.83 -17.56
C LEU A 180 17.64 6.68 -18.18
N SER A 181 17.00 5.99 -19.10
CA SER A 181 17.55 4.80 -19.72
C SER A 181 18.22 5.18 -21.02
N LEU A 182 19.52 4.89 -21.11
CA LEU A 182 20.31 5.18 -22.30
C LEU A 182 20.85 3.88 -22.85
N THR A 183 21.38 3.95 -24.06
CA THR A 183 22.08 2.83 -24.64
C THR A 183 23.53 3.04 -24.27
N PRO A 184 24.33 1.97 -24.19
CA PRO A 184 25.73 2.08 -23.79
C PRO A 184 26.52 3.10 -24.62
N GLU A 185 26.24 3.16 -25.91
CA GLU A 185 27.00 4.07 -26.75
C GLU A 185 26.63 5.52 -26.47
N GLN A 186 25.40 5.73 -26.01
CA GLN A 186 24.95 7.07 -25.62
C GLN A 186 25.57 7.49 -24.29
N TRP A 187 25.62 6.56 -23.36
CA TRP A 187 26.24 6.78 -22.05
C TRP A 187 27.67 7.20 -22.29
N LYS A 188 28.39 6.39 -23.05
CA LYS A 188 29.78 6.68 -23.34
C LYS A 188 29.95 7.84 -24.34
N SER A 189 28.84 8.38 -24.84
CA SER A 189 28.87 9.49 -25.80
C SER A 189 29.14 10.85 -25.15
N HIS A 190 28.48 11.12 -24.02
CA HIS A 190 28.63 12.41 -23.35
C HIS A 190 29.63 12.36 -22.21
N LYS A 191 30.32 13.47 -21.99
CA LYS A 191 31.19 13.57 -20.84
C LYS A 191 30.43 13.36 -19.53
N SER A 192 29.14 13.70 -19.50
CA SER A 192 28.43 13.83 -18.23
C SER A 192 26.91 13.95 -18.37
N TYR A 193 26.17 13.32 -17.45
CA TYR A 193 24.72 13.51 -17.34
C TYR A 193 24.38 14.10 -15.99
N SER A 194 23.32 14.88 -15.91
CA SER A 194 22.89 15.38 -14.61
C SER A 194 21.39 15.25 -14.31
N CYS A 195 21.09 15.04 -13.04
CA CYS A 195 19.73 14.89 -12.57
C CYS A 195 19.45 16.08 -11.70
N GLN A 196 18.56 16.95 -12.15
CA GLN A 196 18.40 18.23 -11.49
C GLN A 196 17.05 18.39 -10.83
N VAL A 197 17.03 18.56 -9.52
CA VAL A 197 15.75 18.67 -8.84
C VAL A 197 15.48 20.04 -8.20
N THR A 198 14.31 20.57 -8.53
CA THR A 198 13.86 21.88 -8.11
C THR A 198 12.67 21.64 -7.23
N HIS A 199 12.78 22.14 -6.01
CA HIS A 199 11.75 21.95 -5.00
C HIS A 199 11.57 23.28 -4.32
N GLU A 200 10.33 23.78 -4.36
CA GLU A 200 9.97 24.99 -3.65
C GLU A 200 10.88 26.14 -4.06
N GLY A 201 11.18 26.22 -5.35
CA GLY A 201 12.00 27.29 -5.90
C GLY A 201 13.50 27.02 -5.92
N SER A 202 13.99 26.17 -5.01
CA SER A 202 15.40 25.88 -4.97
C SER A 202 15.73 24.68 -5.82
N THR A 203 16.82 24.80 -6.56
CA THR A 203 17.27 23.81 -7.48
C THR A 203 18.59 23.25 -6.95
N VAL A 204 18.71 21.93 -6.84
CA VAL A 204 20.03 21.34 -6.64
C VAL A 204 20.14 20.24 -7.64
N GLU A 205 21.33 19.67 -7.74
CA GLU A 205 21.66 18.88 -8.90
C GLU A 205 22.74 17.87 -8.54
N LYS A 206 22.72 16.71 -9.18
CA LYS A 206 23.86 15.79 -9.10
C LYS A 206 24.31 15.30 -10.47
N THR A 207 25.53 14.77 -10.54
CA THR A 207 26.17 14.48 -11.82
C THR A 207 27.03 13.19 -11.82
N VAL A 208 27.02 12.45 -12.93
CA VAL A 208 27.83 11.26 -13.10
C VAL A 208 28.48 11.24 -14.49
N ALA A 209 29.51 10.43 -14.64
CA ALA A 209 30.23 10.33 -15.90
C ALA A 209 30.77 8.93 -16.09
N PRO A 210 30.84 8.48 -17.36
CA PRO A 210 31.43 7.19 -17.73
C PRO A 210 32.86 7.05 -17.21
N THR A 211 33.14 6.11 -16.32
CA THR A 211 34.50 5.98 -15.78
C THR A 211 34.92 4.54 -15.41
N VAL B 2 -4.56 -11.93 17.04
CA VAL B 2 -4.35 -13.01 16.09
C VAL B 2 -3.52 -12.49 14.94
N GLN B 3 -2.92 -13.36 14.16
CA GLN B 3 -2.11 -12.91 13.04
C GLN B 3 -2.61 -13.49 11.71
N LEU B 4 -2.79 -12.66 10.69
CA LEU B 4 -3.21 -13.15 9.39
C LEU B 4 -2.25 -12.80 8.24
N GLN B 5 -1.85 -13.77 7.43
CA GLN B 5 -1.11 -13.49 6.21
C GLN B 5 -1.73 -14.14 4.98
N GLU B 6 -1.99 -13.36 3.96
CA GLU B 6 -2.53 -13.87 2.72
C GLU B 6 -1.47 -14.47 1.81
N SER B 7 -1.92 -15.22 0.81
CA SER B 7 -1.07 -15.71 -0.26
C SER B 7 -1.88 -15.82 -1.53
N GLY B 8 -1.23 -15.85 -2.69
CA GLY B 8 -1.92 -15.64 -3.96
C GLY B 8 -1.31 -16.14 -5.26
N PRO B 9 -2.08 -16.04 -6.32
CA PRO B 9 -1.60 -16.11 -7.69
C PRO B 9 -0.74 -14.92 -8.13
N GLY B 10 -1.13 -13.73 -7.70
CA GLY B 10 -0.57 -12.52 -8.24
C GLY B 10 -0.77 -12.20 -9.70
N LEU B 11 -1.20 -13.16 -10.48
CA LEU B 11 -1.55 -12.94 -11.88
C LEU B 11 -2.63 -13.95 -12.31
N VAL B 12 -3.75 -13.43 -12.81
CA VAL B 12 -4.90 -14.24 -13.19
C VAL B 12 -5.45 -13.84 -14.54
N ARG B 13 -5.58 -14.79 -15.45
CA ARG B 13 -6.04 -14.50 -16.80
C ARG B 13 -7.51 -14.18 -16.81
N PRO B 14 -7.92 -13.25 -17.77
CA PRO B 14 -9.35 -12.93 -17.68
C PRO B 14 -10.17 -14.19 -17.95
N SER B 15 -11.26 -14.34 -17.21
CA SER B 15 -12.18 -15.45 -17.41
C SER B 15 -11.73 -16.71 -16.67
N GLU B 16 -10.59 -16.61 -16.00
CA GLU B 16 -10.13 -17.68 -15.13
C GLU B 16 -10.56 -17.48 -13.69
N THR B 17 -10.17 -18.39 -12.82
CA THR B 17 -10.62 -18.35 -11.45
C THR B 17 -9.52 -17.88 -10.51
N LEU B 18 -9.75 -16.75 -9.84
CA LEU B 18 -8.81 -16.23 -8.87
C LEU B 18 -8.80 -17.09 -7.62
N SER B 19 -7.65 -17.24 -6.98
CA SER B 19 -7.62 -18.00 -5.75
C SER B 19 -6.65 -17.48 -4.71
N VAL B 20 -7.16 -17.14 -3.54
CA VAL B 20 -6.30 -16.69 -2.44
C VAL B 20 -6.56 -17.40 -1.10
N THR B 21 -5.49 -17.52 -0.32
CA THR B 21 -5.52 -18.22 0.95
C THR B 21 -5.05 -17.30 2.07
N CYS B 22 -5.45 -17.62 3.28
CA CYS B 22 -5.12 -16.84 4.46
C CYS B 22 -4.82 -17.78 5.63
N ILE B 23 -3.57 -17.80 6.10
CA ILE B 23 -3.26 -18.62 7.27
C ILE B 23 -3.47 -17.77 8.52
N VAL B 24 -3.96 -18.39 9.60
CA VAL B 24 -4.18 -17.69 10.85
C VAL B 24 -3.36 -18.29 11.97
N SER B 25 -2.84 -17.42 12.85
CA SER B 25 -2.03 -17.86 13.98
C SER B 25 -2.52 -17.26 15.30
N GLY B 26 -2.35 -18.02 16.37
CA GLY B 26 -2.56 -17.53 17.73
C GLY B 26 -4.00 -17.54 18.18
N GLY B 27 -4.89 -17.97 17.30
CA GLY B 27 -6.28 -18.19 17.65
C GLY B 27 -6.78 -19.42 16.92
N SER B 28 -7.63 -20.21 17.57
CA SER B 28 -8.24 -21.34 16.89
C SER B 28 -9.27 -20.84 15.90
N ILE B 29 -9.24 -21.41 14.69
CA ILE B 29 -10.15 -21.00 13.65
C ILE B 29 -11.61 -21.31 13.96
N SER B 30 -11.84 -22.33 14.78
CA SER B 30 -13.18 -22.90 14.95
C SER B 30 -14.22 -21.99 15.57
N ASN B 31 -13.81 -21.15 16.49
CA ASN B 31 -14.67 -20.38 17.36
C ASN B 31 -14.98 -18.96 16.88
N TYR B 32 -14.68 -18.68 15.62
CA TYR B 32 -14.88 -17.34 15.09
C TYR B 32 -15.54 -17.32 13.70
N TYR B 33 -16.09 -16.16 13.34
CA TYR B 33 -16.40 -15.74 11.96
C TYR B 33 -15.21 -15.10 11.19
N TRP B 34 -15.10 -15.35 9.89
CA TRP B 34 -14.02 -14.89 9.04
C TRP B 34 -14.51 -14.33 7.76
N THR B 35 -13.82 -13.33 7.22
CA THR B 35 -14.32 -12.62 6.06
C THR B 35 -13.27 -12.19 5.03
N TRP B 36 -13.69 -11.89 3.82
CA TRP B 36 -12.77 -11.35 2.82
C TRP B 36 -13.28 -10.01 2.33
N ILE B 37 -12.33 -9.10 2.10
CA ILE B 37 -12.60 -7.76 1.60
C ILE B 37 -11.58 -7.51 0.51
N ARG B 38 -11.91 -6.71 -0.50
CA ARG B 38 -10.90 -6.38 -1.51
C ARG B 38 -10.89 -4.90 -1.79
N GLN B 39 -9.77 -4.41 -2.31
CA GLN B 39 -9.73 -3.07 -2.89
C GLN B 39 -9.14 -3.08 -4.30
N SER B 40 -9.89 -2.54 -5.25
CA SER B 40 -9.43 -2.34 -6.61
C SER B 40 -8.96 -0.91 -6.83
N PRO B 41 -7.97 -0.72 -7.70
CA PRO B 41 -7.45 0.58 -8.14
C PRO B 41 -8.54 1.62 -8.37
N GLY B 42 -8.41 2.78 -7.73
CA GLY B 42 -9.41 3.83 -7.84
C GLY B 42 -10.82 3.48 -7.38
N LYS B 43 -10.96 2.41 -6.62
CA LYS B 43 -12.24 2.05 -6.01
C LYS B 43 -12.08 1.98 -4.49
N GLY B 44 -13.18 1.67 -3.78
CA GLY B 44 -13.14 1.53 -2.34
C GLY B 44 -13.10 0.10 -1.85
N LEU B 45 -13.03 -0.10 -0.54
CA LEU B 45 -13.06 -1.43 0.05
C LEU B 45 -14.41 -2.08 -0.24
N GLU B 46 -14.38 -3.26 -0.86
CA GLU B 46 -15.59 -3.96 -1.16
C GLU B 46 -15.70 -5.17 -0.24
N TRP B 47 -16.84 -5.35 0.40
CA TRP B 47 -17.06 -6.48 1.28
C TRP B 47 -17.54 -7.65 0.47
N ILE B 48 -16.68 -8.66 0.33
CA ILE B 48 -16.98 -9.89 -0.38
C ILE B 48 -18.00 -10.88 0.21
N GLY B 49 -17.86 -11.16 1.50
CA GLY B 49 -18.71 -12.11 2.16
C GLY B 49 -17.97 -12.77 3.29
N TYR B 50 -18.64 -13.62 4.05
CA TYR B 50 -18.08 -14.24 5.24
C TYR B 50 -18.45 -15.69 5.50
N ILE B 51 -17.72 -16.32 6.38
CA ILE B 51 -18.03 -17.65 6.82
C ILE B 51 -18.32 -17.67 8.31
N SER B 52 -19.30 -18.45 8.72
CA SER B 52 -19.64 -18.52 10.12
C SER B 52 -18.92 -19.68 10.79
N ASP B 53 -18.91 -19.69 12.11
CA ASP B 53 -18.44 -20.86 12.87
C ASP B 53 -19.15 -22.16 12.45
N ARG B 54 -20.40 -22.07 11.99
CA ARG B 54 -21.08 -23.29 11.50
C ARG B 54 -20.63 -23.67 10.08
N GLU B 55 -19.67 -22.95 9.52
CA GLU B 55 -19.20 -23.19 8.15
C GLU B 55 -20.25 -22.81 7.10
N THR B 56 -21.16 -21.92 7.47
CA THR B 56 -22.12 -21.42 6.49
C THR B 56 -21.64 -20.11 5.92
N THR B 57 -21.94 -19.90 4.65
CA THR B 57 -21.36 -18.74 3.97
C THR B 57 -22.45 -17.80 3.48
N THR B 58 -22.18 -16.50 3.53
CA THR B 58 -23.09 -15.50 2.99
C THR B 58 -22.27 -14.49 2.20
N TYR B 59 -22.84 -13.96 1.12
CA TYR B 59 -22.07 -13.17 0.17
C TYR B 59 -22.80 -11.94 -0.34
N ASN B 60 -22.03 -10.91 -0.67
CA ASN B 60 -22.53 -9.74 -1.35
C ASN B 60 -23.12 -10.10 -2.72
N PRO B 61 -24.39 -9.72 -2.97
CA PRO B 61 -24.99 -9.91 -4.30
C PRO B 61 -24.17 -9.28 -5.43
N SER B 62 -23.45 -8.20 -5.13
CA SER B 62 -22.65 -7.49 -6.12
C SER B 62 -21.51 -8.35 -6.65
N LEU B 63 -21.21 -9.45 -5.97
CA LEU B 63 -20.23 -10.37 -6.50
C LEU B 63 -20.87 -11.37 -7.46
N ASN B 64 -22.20 -11.43 -7.43
CA ASN B 64 -22.97 -12.24 -8.37
C ASN B 64 -22.65 -13.72 -8.29
N SER B 65 -22.56 -14.26 -7.07
CA SER B 65 -22.32 -15.68 -6.85
C SER B 65 -21.04 -16.19 -7.51
N ARG B 66 -20.14 -15.27 -7.85
CA ARG B 66 -18.89 -15.64 -8.48
C ARG B 66 -17.92 -16.03 -7.38
N ALA B 67 -18.27 -15.68 -6.15
CA ALA B 67 -17.39 -15.85 -4.99
C ALA B 67 -17.71 -17.09 -4.18
N VAL B 68 -16.67 -17.75 -3.66
CA VAL B 68 -16.84 -18.88 -2.74
C VAL B 68 -15.75 -18.90 -1.66
N ILE B 69 -16.16 -19.09 -0.41
CA ILE B 69 -15.30 -18.87 0.78
C ILE B 69 -15.30 -20.10 1.67
N SER B 70 -14.16 -20.61 2.11
CA SER B 70 -14.10 -21.86 2.87
C SER B 70 -13.13 -21.86 4.04
N ARG B 71 -13.19 -22.89 4.87
CA ARG B 71 -12.32 -23.08 6.00
C ARG B 71 -11.60 -24.40 5.87
N ASP B 72 -10.36 -24.46 6.33
CA ASP B 72 -9.68 -25.73 6.51
C ASP B 72 -9.03 -25.78 7.86
N THR B 73 -9.77 -26.25 8.85
CA THR B 73 -9.24 -26.24 10.19
C THR B 73 -7.97 -27.06 10.29
N SER B 74 -7.91 -28.18 9.60
CA SER B 74 -6.71 -29.02 9.63
C SER B 74 -5.42 -28.24 9.35
N LYS B 75 -5.54 -27.12 8.63
CA LYS B 75 -4.38 -26.28 8.30
C LYS B 75 -4.58 -24.88 8.87
N ASN B 76 -5.70 -24.73 9.58
CA ASN B 76 -6.10 -23.48 10.21
C ASN B 76 -6.22 -22.39 9.17
N GLN B 77 -6.58 -22.76 7.95
CA GLN B 77 -6.47 -21.79 6.88
C GLN B 77 -7.83 -21.40 6.37
N LEU B 78 -7.99 -20.12 6.14
CA LEU B 78 -9.19 -19.61 5.52
C LEU B 78 -8.88 -19.52 4.05
N SER B 79 -9.88 -19.66 3.19
CA SER B 79 -9.64 -19.60 1.75
C SER B 79 -10.73 -18.90 0.93
N LEU B 80 -10.42 -18.54 -0.32
CA LEU B 80 -11.39 -17.88 -1.20
C LEU B 80 -11.07 -18.06 -2.67
N GLN B 81 -12.07 -18.44 -3.43
CA GLN B 81 -11.97 -18.50 -4.87
C GLN B 81 -12.94 -17.49 -5.45
N LEU B 82 -12.56 -16.85 -6.55
CA LEU B 82 -13.47 -16.00 -7.29
C LEU B 82 -13.46 -16.42 -8.76
N ARG B 83 -14.54 -17.02 -9.25
CA ARG B 83 -14.50 -17.51 -10.61
C ARG B 83 -14.85 -16.44 -11.65
N SER B 84 -14.49 -16.73 -12.89
CA SER B 84 -14.76 -15.85 -14.04
C SER B 84 -14.28 -14.43 -13.79
N VAL B 85 -12.98 -14.23 -13.68
CA VAL B 85 -12.46 -12.89 -13.40
C VAL B 85 -12.33 -11.99 -14.61
N THR B 86 -12.27 -10.69 -14.33
CA THR B 86 -12.09 -9.66 -15.34
C THR B 86 -11.23 -8.57 -14.71
N THR B 87 -10.65 -7.71 -15.55
CA THR B 87 -9.69 -6.70 -15.09
C THR B 87 -10.16 -5.95 -13.87
N ALA B 88 -11.47 -5.87 -13.67
CA ALA B 88 -12.02 -5.20 -12.50
C ALA B 88 -11.85 -6.02 -11.21
N ASP B 89 -11.36 -7.25 -11.34
CA ASP B 89 -11.20 -8.12 -10.16
C ASP B 89 -9.78 -8.06 -9.64
N THR B 90 -8.94 -7.37 -10.41
CA THR B 90 -7.62 -6.97 -9.97
C THR B 90 -7.81 -6.15 -8.73
N ALA B 91 -7.12 -6.53 -7.67
CA ALA B 91 -7.32 -5.91 -6.37
C ALA B 91 -6.32 -6.45 -5.38
N ILE B 92 -6.21 -5.76 -4.25
CA ILE B 92 -5.50 -6.31 -3.10
C ILE B 92 -6.57 -6.96 -2.24
N TYR B 93 -6.36 -8.23 -1.89
CA TYR B 93 -7.36 -9.01 -1.16
C TYR B 93 -7.01 -9.22 0.30
N PHE B 94 -7.81 -8.61 1.18
CA PHE B 94 -7.64 -8.69 2.63
C PHE B 94 -8.52 -9.73 3.32
N CYS B 95 -7.93 -10.49 4.23
CA CYS B 95 -8.72 -11.36 5.08
C CYS B 95 -8.79 -10.76 6.45
N ALA B 96 -9.95 -10.89 7.10
CA ALA B 96 -10.17 -10.31 8.41
C ALA B 96 -11.04 -11.19 9.32
N THR B 97 -11.05 -10.86 10.61
CA THR B 97 -11.98 -11.46 11.56
C THR B 97 -13.25 -10.65 11.59
N ALA B 98 -14.36 -11.30 11.93
CA ALA B 98 -15.64 -10.61 12.00
C ALA B 98 -16.37 -10.96 13.30
N ARG B 99 -16.74 -9.92 14.04
CA ARG B 99 -17.49 -10.09 15.27
C ARG B 99 -18.95 -9.73 15.01
N ARG B 100 -19.87 -10.44 15.66
CA ARG B 100 -21.26 -10.11 15.55
C ARG B 100 -21.72 -9.41 16.82
N GLY B 101 -22.41 -8.30 16.64
CA GLY B 101 -23.01 -7.59 17.76
C GLY B 101 -24.48 -7.34 17.50
N GLN B 102 -25.21 -6.99 18.54
CA GLN B 102 -26.65 -6.84 18.42
C GLN B 102 -27.08 -5.45 18.82
N ARG B 103 -27.80 -4.79 17.93
CA ARG B 103 -28.39 -3.51 18.28
C ARG B 103 -29.84 -3.81 18.57
N ILE B 104 -30.24 -3.58 19.83
CA ILE B 104 -31.61 -3.85 20.24
C ILE B 104 -32.23 -2.54 20.65
N TYR B 105 -33.38 -2.23 20.05
CA TYR B 105 -34.05 -0.97 20.38
C TYR B 105 -35.40 -1.10 21.11
N GLY B 106 -35.77 -2.31 21.50
CA GLY B 106 -37.07 -2.55 22.07
C GLY B 106 -37.24 -4.01 22.45
N VAL B 107 -38.25 -4.68 21.92
CA VAL B 107 -38.52 -6.02 22.37
C VAL B 107 -38.00 -7.04 21.42
N VAL B 108 -37.21 -7.97 21.95
CA VAL B 108 -36.67 -9.07 21.15
C VAL B 108 -37.75 -9.78 20.36
N SER B 109 -38.76 -10.28 21.08
CA SER B 109 -39.85 -11.03 20.47
C SER B 109 -40.55 -10.26 19.37
N PHE B 110 -40.66 -8.95 19.53
CA PHE B 110 -41.25 -8.13 18.48
C PHE B 110 -40.25 -7.89 17.35
N GLY B 111 -39.15 -8.62 17.44
CA GLY B 111 -38.05 -8.53 16.51
C GLY B 111 -37.38 -7.18 16.37
N GLU B 112 -37.29 -6.42 17.46
CA GLU B 112 -36.98 -4.99 17.42
C GLU B 112 -35.50 -4.73 17.58
N PHE B 113 -34.72 -5.72 17.18
CA PHE B 113 -33.29 -5.70 17.28
C PHE B 113 -32.70 -6.03 15.91
N PHE B 114 -31.42 -5.71 15.73
CA PHE B 114 -30.70 -6.14 14.53
C PHE B 114 -29.26 -6.53 14.83
N TYR B 115 -28.65 -7.29 13.95
CA TYR B 115 -27.24 -7.66 14.09
C TYR B 115 -26.36 -6.78 13.22
N TYR B 116 -25.08 -6.73 13.57
CA TYR B 116 -24.10 -6.03 12.75
C TYR B 116 -22.77 -6.68 12.95
N TYR B 117 -21.91 -6.64 11.94
CA TYR B 117 -20.56 -7.17 12.09
C TYR B 117 -19.50 -6.08 12.06
N TYR B 118 -18.44 -6.28 12.84
CA TYR B 118 -17.26 -5.45 12.72
C TYR B 118 -16.01 -6.30 12.55
N MET B 119 -15.19 -5.92 11.59
CA MET B 119 -13.89 -6.54 11.38
C MET B 119 -12.84 -5.89 12.29
N ASP B 120 -12.30 -6.64 13.23
CA ASP B 120 -11.40 -6.08 14.22
C ASP B 120 -9.93 -6.45 13.99
N VAL B 121 -9.66 -7.47 13.20
CA VAL B 121 -8.30 -7.89 12.94
C VAL B 121 -8.24 -8.23 11.47
N TRP B 122 -7.17 -7.83 10.79
CA TRP B 122 -7.10 -7.86 9.35
C TRP B 122 -5.72 -8.27 8.86
N GLY B 123 -5.64 -8.67 7.59
CA GLY B 123 -4.36 -8.93 6.97
C GLY B 123 -3.82 -7.76 6.16
N LYS B 124 -2.56 -7.85 5.76
CA LYS B 124 -1.95 -6.78 5.00
C LYS B 124 -2.46 -6.77 3.57
N GLY B 125 -3.14 -7.84 3.17
CA GLY B 125 -3.60 -7.95 1.80
C GLY B 125 -2.66 -8.77 0.93
N THR B 126 -3.13 -9.15 -0.25
CA THR B 126 -2.26 -9.75 -1.25
C THR B 126 -2.64 -9.19 -2.62
N ALA B 127 -1.64 -8.73 -3.37
CA ALA B 127 -1.87 -8.21 -4.71
C ALA B 127 -2.23 -9.32 -5.70
N VAL B 128 -3.41 -9.19 -6.32
CA VAL B 128 -3.83 -10.08 -7.39
C VAL B 128 -4.19 -9.27 -8.63
N THR B 129 -3.56 -9.59 -9.76
CA THR B 129 -3.79 -8.87 -11.00
C THR B 129 -4.42 -9.76 -12.08
N VAL B 130 -5.33 -9.19 -12.82
CA VAL B 130 -5.97 -9.93 -13.87
C VAL B 130 -5.53 -9.41 -15.21
N SER B 131 -4.66 -10.20 -15.82
CA SER B 131 -3.99 -9.86 -17.05
C SER B 131 -3.75 -11.09 -17.89
N SER B 132 -3.77 -10.92 -19.20
CA SER B 132 -3.34 -11.95 -20.12
C SER B 132 -1.87 -12.35 -19.95
N ALA B 133 -1.01 -11.36 -19.76
CA ALA B 133 0.41 -11.52 -19.85
C ALA B 133 0.97 -12.34 -18.73
N SER B 134 2.15 -12.90 -19.00
CA SER B 134 2.87 -13.75 -18.08
C SER B 134 3.68 -13.03 -17.01
N THR B 135 3.94 -13.69 -15.90
CA THR B 135 4.79 -13.06 -14.93
C THR B 135 6.16 -12.87 -15.58
N LYS B 136 6.76 -11.69 -15.39
CA LYS B 136 8.14 -11.45 -15.85
C LYS B 136 9.06 -11.16 -14.70
N GLY B 137 10.11 -11.93 -14.56
CA GLY B 137 11.00 -11.81 -13.44
C GLY B 137 11.81 -10.56 -13.56
N PRO B 138 12.37 -10.10 -12.46
CA PRO B 138 13.14 -8.89 -12.54
C PRO B 138 14.62 -9.19 -12.61
N SER B 139 15.29 -8.73 -13.65
CA SER B 139 16.73 -8.68 -13.61
C SER B 139 17.12 -7.63 -12.59
N VAL B 140 18.06 -7.92 -11.72
CA VAL B 140 18.43 -6.97 -10.71
C VAL B 140 19.90 -6.59 -10.76
N PHE B 141 20.15 -5.29 -10.69
CA PHE B 141 21.49 -4.73 -10.85
C PHE B 141 21.98 -4.03 -9.61
N PRO B 142 23.25 -4.20 -9.30
CA PRO B 142 23.86 -3.46 -8.19
C PRO B 142 24.12 -2.00 -8.57
N LEU B 143 23.85 -1.13 -7.62
CA LEU B 143 24.14 0.27 -7.78
C LEU B 143 25.22 0.56 -6.78
N ALA B 144 26.44 0.73 -7.25
CA ALA B 144 27.59 0.80 -6.36
C ALA B 144 27.76 2.07 -5.56
N PRO B 145 28.27 1.92 -4.34
CA PRO B 145 28.79 3.01 -3.51
C PRO B 145 30.10 3.57 -4.07
N SER B 151 32.20 12.01 3.03
CA SER B 151 31.10 11.98 2.06
C SER B 151 29.82 12.06 2.85
N GLY B 152 29.88 12.81 3.94
CA GLY B 152 28.86 12.83 4.98
C GLY B 152 29.18 11.81 6.05
N GLY B 153 30.24 11.04 5.82
CA GLY B 153 30.60 9.90 6.63
C GLY B 153 29.83 8.68 6.18
N THR B 154 29.00 8.85 5.17
CA THR B 154 28.17 7.77 4.70
C THR B 154 28.20 7.70 3.22
N ALA B 155 27.98 6.51 2.69
CA ALA B 155 27.91 6.27 1.28
C ALA B 155 26.52 5.80 1.03
N ALA B 156 26.07 5.85 -0.22
CA ALA B 156 24.75 5.31 -0.52
C ALA B 156 24.95 4.08 -1.37
N LEU B 157 24.11 3.08 -1.11
CA LEU B 157 24.18 1.74 -1.66
C LEU B 157 22.81 1.26 -2.11
N GLY B 158 22.71 0.63 -3.27
CA GLY B 158 21.41 0.31 -3.84
C GLY B 158 21.33 -0.84 -4.84
N CYS B 159 20.12 -1.30 -5.13
CA CYS B 159 19.92 -2.33 -6.14
C CYS B 159 18.85 -1.89 -7.10
N LEU B 160 19.08 -2.04 -8.39
CA LEU B 160 18.08 -1.68 -9.35
C LEU B 160 17.35 -2.97 -9.68
N VAL B 161 16.03 -2.93 -9.52
CA VAL B 161 15.20 -4.09 -9.77
C VAL B 161 14.39 -3.86 -11.04
N LYS B 162 14.92 -4.26 -12.18
CA LYS B 162 14.41 -3.75 -13.45
C LYS B 162 13.38 -4.64 -14.14
N ASP B 163 12.32 -4.01 -14.63
CA ASP B 163 11.44 -4.65 -15.60
C ASP B 163 10.72 -5.92 -15.13
N TYR B 164 9.92 -5.82 -14.07
CA TYR B 164 9.17 -6.99 -13.60
C TYR B 164 7.68 -6.75 -13.70
N PHE B 165 6.91 -7.84 -13.63
CA PHE B 165 5.45 -7.78 -13.71
C PHE B 165 4.87 -9.03 -13.03
N PRO B 166 3.75 -8.86 -12.32
CA PRO B 166 3.20 -7.54 -11.98
C PRO B 166 3.76 -7.16 -10.62
N GLU B 167 3.29 -6.06 -10.05
CA GLU B 167 3.56 -5.76 -8.64
C GLU B 167 2.99 -6.89 -7.78
N PRO B 168 3.53 -7.07 -6.56
CA PRO B 168 4.63 -6.30 -5.97
C PRO B 168 5.93 -7.09 -5.98
N VAL B 169 6.96 -6.49 -5.41
CA VAL B 169 8.27 -7.11 -5.25
C VAL B 169 8.72 -6.87 -3.83
N THR B 170 9.20 -7.92 -3.17
CA THR B 170 9.80 -7.77 -1.85
C THR B 170 11.26 -7.39 -2.00
N VAL B 171 11.77 -6.55 -1.12
CA VAL B 171 13.19 -6.30 -1.09
C VAL B 171 13.72 -6.32 0.32
N SER B 172 14.74 -7.12 0.58
CA SER B 172 15.34 -7.20 1.89
C SER B 172 16.83 -7.03 1.78
N TRP B 173 17.48 -6.63 2.88
CA TRP B 173 18.92 -6.50 2.93
C TRP B 173 19.51 -7.26 4.05
N ASN B 174 20.22 -8.34 3.76
CA ASN B 174 20.93 -9.13 4.77
C ASN B 174 19.95 -9.79 5.72
N SER B 175 18.69 -9.80 5.35
CA SER B 175 17.61 -9.90 6.31
C SER B 175 17.68 -8.78 7.36
N GLY B 176 17.67 -9.12 8.62
CA GLY B 176 17.62 -8.13 9.67
C GLY B 176 18.71 -7.09 9.93
N ALA B 177 19.98 -7.42 9.82
CA ALA B 177 21.01 -6.54 10.39
C ALA B 177 20.97 -5.18 9.76
N LEU B 178 20.80 -5.14 8.45
CA LEU B 178 20.55 -3.88 7.79
C LEU B 178 19.07 -3.72 7.82
N THR B 179 18.59 -3.05 8.85
CA THR B 179 17.21 -2.70 8.89
C THR B 179 17.07 -1.26 8.45
N SER B 180 18.00 -0.44 8.95
CA SER B 180 18.08 0.99 8.66
C SER B 180 19.52 1.39 8.53
N GLY B 181 19.78 2.47 7.79
CA GLY B 181 18.73 3.20 7.11
C GLY B 181 18.59 2.81 5.66
N VAL B 182 17.55 2.04 5.40
CA VAL B 182 17.31 1.46 4.10
C VAL B 182 15.95 1.92 3.64
N HIS B 183 15.88 2.36 2.41
CA HIS B 183 14.64 2.80 1.86
C HIS B 183 14.41 2.07 0.59
N THR B 184 13.25 1.44 0.46
CA THR B 184 12.89 0.85 -0.81
C THR B 184 11.87 1.80 -1.36
N PHE B 185 12.07 2.28 -2.56
CA PHE B 185 11.21 3.33 -3.13
C PHE B 185 9.95 2.72 -3.75
N PRO B 186 8.85 3.49 -3.84
CA PRO B 186 7.77 3.03 -4.70
C PRO B 186 8.29 2.75 -6.11
N ALA B 187 7.61 1.87 -6.84
CA ALA B 187 8.04 1.45 -8.17
C ALA B 187 7.59 2.41 -9.26
N VAL B 188 8.23 2.34 -10.41
CA VAL B 188 7.82 3.15 -11.53
C VAL B 188 7.14 2.24 -12.55
N LEU B 189 6.06 2.71 -13.15
CA LEU B 189 5.39 1.95 -14.18
C LEU B 189 5.84 2.47 -15.54
N GLN B 190 6.54 1.60 -16.27
CA GLN B 190 7.06 1.94 -17.58
C GLN B 190 5.97 1.99 -18.65
N SER B 191 6.25 2.70 -19.73
CA SER B 191 5.34 2.76 -20.87
C SER B 191 5.21 1.34 -21.41
N SER B 192 6.27 0.56 -21.23
CA SER B 192 6.26 -0.84 -21.60
C SER B 192 5.20 -1.59 -20.78
N GLY B 193 4.91 -1.08 -19.60
CA GLY B 193 4.02 -1.74 -18.66
C GLY B 193 4.78 -2.62 -17.71
N LEU B 194 6.10 -2.62 -17.86
CA LEU B 194 6.98 -3.23 -16.88
C LEU B 194 7.09 -2.34 -15.65
N TYR B 195 7.52 -2.92 -14.54
CA TYR B 195 7.77 -2.19 -13.31
C TYR B 195 9.25 -2.26 -12.95
N SER B 196 9.77 -1.14 -12.45
CA SER B 196 11.10 -1.10 -11.88
C SER B 196 11.04 -0.30 -10.59
N LEU B 197 11.73 -0.80 -9.56
CA LEU B 197 11.93 -0.03 -8.34
C LEU B 197 13.38 -0.06 -7.96
N SER B 198 13.71 0.61 -6.87
CA SER B 198 15.09 0.72 -6.44
C SER B 198 15.08 0.68 -4.96
N SER B 199 16.13 0.12 -4.39
CA SER B 199 16.25 0.11 -2.95
C SER B 199 17.66 0.43 -2.57
N VAL B 200 17.80 1.49 -1.78
CA VAL B 200 19.11 1.93 -1.35
C VAL B 200 19.28 1.81 0.15
N VAL B 201 20.51 1.85 0.62
CA VAL B 201 20.76 1.94 2.03
C VAL B 201 22.01 2.77 2.22
N THR B 202 22.07 3.51 3.31
CA THR B 202 23.21 4.35 3.57
C THR B 202 24.07 3.66 4.59
N VAL B 203 25.37 3.62 4.29
CA VAL B 203 26.36 2.79 4.95
C VAL B 203 27.54 3.66 5.28
N PRO B 204 28.39 3.26 6.21
CA PRO B 204 29.64 3.98 6.45
C PRO B 204 30.75 3.62 5.49
N SER B 205 31.48 4.61 5.03
CA SER B 205 32.50 4.40 4.04
C SER B 205 33.56 3.47 4.60
N SER B 206 33.80 3.62 5.89
CA SER B 206 34.79 2.84 6.59
C SER B 206 34.38 1.41 6.47
N SER B 207 33.08 1.19 6.55
CA SER B 207 32.49 -0.14 6.52
C SER B 207 32.13 -0.59 5.11
N LEU B 208 32.46 0.20 4.12
CA LEU B 208 32.58 -0.32 2.78
C LEU B 208 33.89 -1.06 2.83
N GLY B 209 34.09 -1.99 1.92
CA GLY B 209 35.27 -2.81 1.93
C GLY B 209 35.67 -3.63 3.16
N THR B 210 34.81 -3.78 4.16
CA THR B 210 35.16 -4.68 5.24
C THR B 210 33.86 -5.42 5.18
N GLN B 211 32.77 -4.66 5.07
CA GLN B 211 31.44 -5.24 5.16
C GLN B 211 30.74 -5.53 3.84
N THR B 212 29.71 -6.36 3.93
CA THR B 212 29.03 -6.93 2.80
C THR B 212 27.55 -6.64 2.90
N TYR B 213 26.91 -6.45 1.76
CA TYR B 213 25.47 -6.16 1.69
C TYR B 213 24.93 -6.81 0.47
N ILE B 214 23.75 -7.40 0.54
CA ILE B 214 23.09 -7.84 -0.66
C ILE B 214 21.64 -7.72 -0.45
N CYS B 215 20.88 -7.71 -1.53
CA CYS B 215 19.47 -7.53 -1.38
C CYS B 215 18.73 -8.69 -1.94
N ASN B 216 17.76 -9.09 -1.16
CA ASN B 216 16.95 -10.19 -1.47
C ASN B 216 15.79 -9.59 -2.21
N VAL B 217 15.62 -10.01 -3.45
CA VAL B 217 14.53 -9.52 -4.26
C VAL B 217 13.62 -10.70 -4.49
N ASN B 218 12.36 -10.57 -4.13
CA ASN B 218 11.41 -11.63 -4.35
C ASN B 218 10.38 -11.15 -5.31
N HIS B 219 10.17 -11.86 -6.39
CA HIS B 219 9.03 -11.57 -7.19
C HIS B 219 8.23 -12.83 -7.22
N LYS B 220 7.31 -12.96 -6.28
CA LYS B 220 6.52 -14.16 -6.10
C LYS B 220 5.65 -14.47 -7.31
N PRO B 221 5.14 -13.45 -7.95
CA PRO B 221 4.35 -13.64 -9.16
C PRO B 221 5.19 -14.20 -10.31
N SER B 222 6.49 -14.01 -10.27
CA SER B 222 7.30 -14.48 -11.39
C SER B 222 7.19 -15.95 -11.50
N ASN B 223 7.32 -16.63 -10.38
CA ASN B 223 8.05 -16.15 -9.23
C ASN B 223 9.52 -16.20 -9.53
N THR B 224 10.29 -15.28 -8.97
CA THR B 224 11.72 -15.27 -9.13
C THR B 224 12.39 -14.99 -7.82
N LYS B 225 13.64 -15.37 -7.71
CA LYS B 225 14.39 -15.03 -6.52
C LYS B 225 15.83 -14.70 -6.89
N VAL B 226 16.41 -13.72 -6.22
CA VAL B 226 17.81 -13.38 -6.46
C VAL B 226 18.44 -12.63 -5.32
N ASP B 227 19.76 -12.54 -5.39
CA ASP B 227 20.53 -11.77 -4.42
C ASP B 227 21.63 -11.06 -5.18
N LYS B 228 21.96 -9.86 -4.74
CA LYS B 228 23.07 -9.13 -5.34
C LYS B 228 24.05 -8.74 -4.26
N LYS B 229 25.33 -8.97 -4.52
CA LYS B 229 26.35 -8.50 -3.62
C LYS B 229 26.78 -7.16 -4.17
N VAL B 230 26.59 -6.12 -3.39
CA VAL B 230 26.88 -4.78 -3.85
C VAL B 230 28.30 -4.49 -3.46
N GLU B 231 29.09 -4.07 -4.42
CA GLU B 231 30.48 -3.77 -4.17
C GLU B 231 30.94 -2.60 -5.05
N PRO B 232 31.83 -1.75 -4.52
CA PRO B 232 32.42 -0.59 -5.21
C PRO B 232 33.41 -0.95 -6.34
C1 GOL C . -3.58 4.17 14.52
O1 GOL C . -3.10 3.68 13.28
C2 GOL C . -4.20 5.49 14.25
O2 GOL C . -4.93 5.88 15.38
C3 GOL C . -3.18 6.57 13.97
O3 GOL C . -3.71 7.56 13.11
C1 GOL D . -1.06 16.86 -0.80
O1 GOL D . -2.47 17.01 -0.81
C2 GOL D . -0.52 17.50 0.47
O2 GOL D . -0.86 18.84 0.35
C3 GOL D . 1.00 17.42 0.64
O3 GOL D . 1.70 17.94 -0.46
C1 GOL E . -4.93 24.35 16.73
O1 GOL E . -5.91 24.68 15.74
C2 GOL E . -3.54 24.26 16.16
O2 GOL E . -3.64 23.79 14.82
C3 GOL E . -2.89 25.63 16.15
O3 GOL E . -1.92 25.72 15.11
#